data_4YRG
#
_entry.id   4YRG
#
_cell.length_a   64.603
_cell.length_b   119.447
_cell.length_c   66.136
_cell.angle_alpha   90.000
_cell.angle_beta   92.560
_cell.angle_gamma   90.000
#
_symmetry.space_group_name_H-M   'I 1 2 1'
#
loop_
_entity.id
_entity.type
_entity.pdbx_description
1 polymer 'Histidyl-tRNA synthetase'
2 non-polymer HISTIDINE
3 non-polymer (6-bromopyridin-2-yl)methanol
4 non-polymer 1,2-ETHANEDIOL
5 non-polymer 'SULFATE ION'
6 non-polymer 'DIMETHYL SULFOXIDE'
7 water water
#
_entity_poly.entity_id   1
_entity_poly.type   'polypeptide(L)'
_entity_poly.pdbx_seq_one_letter_code
;MAHHHHHHMGTLEAQTQGPGSMQKNMVETEPVQGCRDFPPEAMRCRRHLFDVFHATAKTFGFEEYDAPVLESEELYIRKA
GEEITEQMFNFITKGGHRVALRPEMTPSLARLLLGKGRSLLLPAKWYSIPQCWRYEAITRGRRREHYQWNMDIVGVKSVS
AEVELVCAACWAMRSLGLSSKDVGIKVNSRKVLQTVVEQAGVTSDKFAPVCVIVDKMEKIPREEVEAQLAVLGLEPTVVD
AITTTLSLKSIDEIAQRVGEEHEAVKELRQFFEQVEAYGYGDWVLFDASVVRGLAYYTGIVFEGFDREGKFRALCGGGRY
DNLLTTYGSPTPIPCAGFGFGDCVIVELLQEKRLLPDIPHVVDDVVIPFDESMRPHALAVLRRLRDAGRSADIILDKKKV
VQAFNYADRVGAVRAVLVAPEEWERGEVQVKMLREGTGKEEGGAERGFAVPLDRLV
;
_entity_poly.pdbx_strand_id   A
#
loop_
_chem_comp.id
_chem_comp.type
_chem_comp.name
_chem_comp.formula
4HU non-polymer (6-bromopyridin-2-yl)methanol 'C6 H6 Br N O'
DMS non-polymer 'DIMETHYL SULFOXIDE' 'C2 H6 O S'
EDO non-polymer 1,2-ETHANEDIOL 'C2 H6 O2'
SO4 non-polymer 'SULFATE ION' 'O4 S -2'
#
# COMPACT_ATOMS: atom_id res chain seq x y z
N MET A 26 -19.87 8.61 30.88
CA MET A 26 -19.60 8.70 29.42
C MET A 26 -18.85 7.46 28.93
N VAL A 27 -19.06 7.13 27.66
CA VAL A 27 -18.41 5.99 27.03
C VAL A 27 -16.94 6.32 26.72
N GLU A 28 -16.11 5.29 26.56
CA GLU A 28 -14.73 5.48 26.18
C GLU A 28 -14.68 5.95 24.72
N THR A 29 -14.27 7.20 24.53
CA THR A 29 -14.28 7.81 23.20
C THR A 29 -13.03 7.45 22.39
N GLU A 30 -12.00 6.96 23.06
CA GLU A 30 -10.78 6.57 22.36
C GLU A 30 -10.94 5.22 21.70
N PRO A 31 -10.24 5.02 20.58
CA PRO A 31 -10.31 3.71 19.96
C PRO A 31 -9.61 2.65 20.82
N VAL A 32 -9.93 1.40 20.52
CA VAL A 32 -9.26 0.26 21.13
C VAL A 32 -7.75 0.38 20.92
N GLN A 33 -7.01 -0.16 21.88
CA GLN A 33 -5.55 -0.09 21.95
C GLN A 33 -4.83 -0.35 20.63
N GLY A 34 -4.02 0.61 20.21
CA GLY A 34 -3.18 0.44 19.01
C GLY A 34 -3.92 0.50 17.69
N CYS A 35 -5.14 1.05 17.69
CA CYS A 35 -5.91 1.18 16.45
C CYS A 35 -6.29 2.63 16.24
N ARG A 36 -6.47 3.01 14.98
CA ARG A 36 -6.70 4.39 14.59
C ARG A 36 -8.15 4.66 14.13
N ASP A 37 -8.66 5.80 14.59
CA ASP A 37 -9.89 6.38 14.09
C ASP A 37 -9.58 7.18 12.83
N PHE A 38 -10.54 7.26 11.91
CA PHE A 38 -10.38 8.07 10.70
C PHE A 38 -11.58 9.01 10.51
N PRO A 39 -11.66 10.08 11.32
CA PRO A 39 -12.71 11.05 11.03
C PRO A 39 -12.43 11.70 9.67
N PRO A 40 -13.41 12.45 9.11
CA PRO A 40 -13.32 12.95 7.74
C PRO A 40 -11.97 13.56 7.36
N GLU A 41 -11.43 14.43 8.22
CA GLU A 41 -10.10 15.02 7.96
C GLU A 41 -9.01 13.96 7.75
N ALA A 42 -8.86 13.02 8.68
CA ALA A 42 -7.86 11.98 8.55
C ALA A 42 -8.19 11.05 7.39
N MET A 43 -9.47 10.80 7.13
CA MET A 43 -9.88 9.90 6.04
C MET A 43 -9.54 10.49 4.68
N ARG A 44 -9.56 11.81 4.54
CA ARG A 44 -9.18 12.45 3.28
C ARG A 44 -7.72 12.19 2.97
N CYS A 45 -6.88 12.17 4.00
CA CYS A 45 -5.46 11.89 3.85
C CYS A 45 -5.23 10.44 3.42
N ARG A 46 -5.88 9.52 4.12
CA ARG A 46 -5.79 8.11 3.78
C ARG A 46 -6.27 7.85 2.35
N ARG A 47 -7.35 8.51 1.97
CA ARG A 47 -7.94 8.35 0.65
C ARG A 47 -7.03 8.95 -0.45
N HIS A 48 -6.33 10.01 -0.12
CA HIS A 48 -5.28 10.53 -1.00
C HIS A 48 -4.18 9.50 -1.25
N LEU A 49 -3.75 8.80 -0.20
CA LEU A 49 -2.76 7.74 -0.35
C LEU A 49 -3.32 6.55 -1.14
N PHE A 50 -4.51 6.10 -0.76
CA PHE A 50 -5.12 4.95 -1.42
C PHE A 50 -5.45 5.22 -2.90
N ASP A 51 -5.88 6.44 -3.22
CA ASP A 51 -6.13 6.80 -4.62
C ASP A 51 -4.87 6.53 -5.44
N VAL A 52 -3.71 6.86 -4.87
CA VAL A 52 -2.44 6.58 -5.51
C VAL A 52 -2.18 5.08 -5.68
N PHE A 53 -2.39 4.29 -4.61
CA PHE A 53 -2.21 2.87 -4.69
C PHE A 53 -3.09 2.26 -5.78
N HIS A 54 -4.36 2.66 -5.80
CA HIS A 54 -5.29 2.21 -6.81
C HIS A 54 -4.88 2.67 -8.22
N ALA A 55 -4.55 3.94 -8.37
CA ALA A 55 -4.24 4.48 -9.69
C ALA A 55 -2.94 3.90 -10.28
N THR A 56 -1.97 3.62 -9.42
CA THR A 56 -0.72 2.98 -9.84
C THR A 56 -0.97 1.53 -10.30
N ALA A 57 -1.74 0.78 -9.51
CA ALA A 57 -2.18 -0.54 -9.90
C ALA A 57 -2.88 -0.57 -11.26
N LYS A 58 -3.77 0.39 -11.50
CA LYS A 58 -4.46 0.48 -12.78
C LYS A 58 -3.48 0.81 -13.91
N THR A 59 -2.60 1.76 -13.67
CA THR A 59 -1.56 2.10 -14.62
C THR A 59 -0.73 0.87 -15.01
N PHE A 60 -0.50 -0.03 -14.04
CA PHE A 60 0.40 -1.16 -14.24
C PHE A 60 -0.33 -2.44 -14.63
N GLY A 61 -1.66 -2.38 -14.68
CA GLY A 61 -2.47 -3.46 -15.18
C GLY A 61 -2.75 -4.52 -14.14
N PHE A 62 -2.68 -4.16 -12.87
CA PHE A 62 -2.98 -5.12 -11.82
C PHE A 62 -4.49 -5.14 -11.53
N GLU A 63 -4.98 -6.28 -11.04
CA GLU A 63 -6.40 -6.50 -10.78
C GLU A 63 -6.61 -6.62 -9.29
N GLU A 64 -7.66 -5.99 -8.80
CA GLU A 64 -7.93 -5.95 -7.40
C GLU A 64 -8.58 -7.24 -6.95
N TYR A 65 -8.25 -7.65 -5.73
CA TYR A 65 -8.87 -8.80 -5.09
C TYR A 65 -8.94 -8.51 -3.59
N ASP A 66 -9.62 -9.36 -2.84
CA ASP A 66 -9.72 -9.21 -1.37
C ASP A 66 -10.01 -10.57 -0.78
N ALA A 67 -9.84 -10.67 0.54
CA ALA A 67 -10.08 -11.90 1.26
C ALA A 67 -10.34 -11.59 2.74
N PRO A 68 -10.86 -12.56 3.49
CA PRO A 68 -11.28 -12.19 4.83
C PRO A 68 -10.09 -11.78 5.68
N VAL A 69 -10.28 -10.72 6.47
CA VAL A 69 -9.28 -10.33 7.47
C VAL A 69 -9.02 -11.51 8.42
N LEU A 70 -10.05 -12.34 8.60
CA LEU A 70 -9.99 -13.51 9.47
C LEU A 70 -9.59 -14.77 8.69
N GLU A 71 -8.49 -15.41 9.12
CA GLU A 71 -7.96 -16.58 8.44
C GLU A 71 -7.61 -17.66 9.46
N SER A 72 -7.52 -18.90 9.00
CA SER A 72 -7.12 -19.99 9.88
C SER A 72 -5.69 -19.74 10.35
N GLU A 73 -5.45 -19.95 11.64
CA GLU A 73 -4.12 -19.75 12.22
C GLU A 73 -3.08 -20.62 11.52
N GLU A 74 -3.47 -21.85 11.18
CA GLU A 74 -2.67 -22.79 10.37
C GLU A 74 -1.92 -22.09 9.22
N LEU A 75 -2.62 -21.25 8.50
CA LEU A 75 -2.08 -20.57 7.34
C LEU A 75 -0.68 -20.00 7.58
N TYR A 76 -0.42 -19.54 8.80
CA TYR A 76 0.82 -18.81 9.13
C TYR A 76 1.88 -19.58 9.94
N ILE A 77 1.68 -20.88 10.13
CA ILE A 77 2.61 -21.69 10.92
C ILE A 77 3.85 -22.03 10.09
N ARG A 78 4.83 -21.13 10.05
CA ARG A 78 6.03 -21.31 9.21
C ARG A 78 7.28 -21.74 9.98
N LYS A 79 7.30 -21.54 11.29
CA LYS A 79 8.33 -22.11 12.18
C LYS A 79 9.76 -21.69 11.83
N ALA A 80 9.92 -20.43 11.43
CA ALA A 80 11.23 -19.89 11.09
C ALA A 80 11.62 -18.75 12.03
N GLY A 81 10.83 -18.51 13.07
CA GLY A 81 11.09 -17.42 14.02
C GLY A 81 10.85 -16.04 13.44
N GLU A 82 9.91 -15.92 12.51
CA GLU A 82 9.60 -14.61 11.91
C GLU A 82 8.92 -13.70 12.92
N GLU A 83 9.32 -12.43 12.92
CA GLU A 83 8.69 -11.44 13.79
C GLU A 83 7.19 -11.33 13.48
N ILE A 84 6.86 -11.42 12.20
CA ILE A 84 5.48 -11.23 11.76
C ILE A 84 4.53 -12.33 12.26
N THR A 85 5.06 -13.53 12.44
CA THR A 85 4.28 -14.66 12.93
C THR A 85 4.33 -14.73 14.46
N GLU A 86 5.48 -14.39 15.04
CA GLU A 86 5.60 -14.24 16.49
C GLU A 86 4.56 -13.27 17.06
N GLN A 87 4.27 -12.21 16.32
CA GLN A 87 3.38 -11.14 16.78
C GLN A 87 1.99 -11.27 16.15
N MET A 88 1.47 -12.49 16.12
CA MET A 88 0.23 -12.81 15.43
C MET A 88 -0.97 -12.59 16.36
N PHE A 89 -1.94 -11.80 15.88
CA PHE A 89 -3.15 -11.45 16.62
C PHE A 89 -4.13 -12.61 16.48
N ASN A 90 -3.97 -13.63 17.31
CA ASN A 90 -4.77 -14.85 17.18
C ASN A 90 -5.77 -15.03 18.32
N PHE A 91 -6.78 -15.85 18.06
CA PHE A 91 -7.68 -16.30 19.11
C PHE A 91 -8.42 -17.58 18.71
N ILE A 92 -9.12 -18.17 19.67
CA ILE A 92 -9.94 -19.35 19.46
C ILE A 92 -11.40 -18.92 19.39
N THR A 93 -12.15 -19.43 18.40
CA THR A 93 -13.58 -19.13 18.26
C THR A 93 -14.34 -19.80 19.39
N LYS A 94 -15.65 -19.56 19.48
CA LYS A 94 -16.51 -20.29 20.41
C LYS A 94 -16.57 -21.77 20.02
N GLY A 95 -16.46 -22.06 18.72
CA GLY A 95 -16.42 -23.44 18.21
C GLY A 95 -15.07 -24.14 18.32
N GLY A 96 -14.07 -23.45 18.87
CA GLY A 96 -12.78 -24.06 19.18
C GLY A 96 -11.78 -24.02 18.03
N HIS A 97 -12.03 -23.16 17.04
CA HIS A 97 -11.18 -23.09 15.86
C HIS A 97 -10.10 -22.03 16.02
N ARG A 98 -8.85 -22.42 15.81
CA ARG A 98 -7.69 -21.51 15.92
C ARG A 98 -7.68 -20.55 14.74
N VAL A 99 -7.89 -19.26 14.99
CA VAL A 99 -7.96 -18.24 13.93
C VAL A 99 -7.11 -17.02 14.25
N ALA A 100 -6.94 -16.15 13.27
CA ALA A 100 -6.13 -14.95 13.43
C ALA A 100 -6.62 -13.83 12.54
N LEU A 101 -6.52 -12.60 13.04
CA LEU A 101 -6.54 -11.43 12.18
C LEU A 101 -5.20 -11.45 11.44
N ARG A 102 -5.26 -11.39 10.11
CA ARG A 102 -4.10 -11.60 9.26
C ARG A 102 -2.96 -10.63 9.57
N PRO A 103 -1.73 -11.16 9.79
CA PRO A 103 -0.55 -10.30 9.96
C PRO A 103 0.04 -9.79 8.65
N GLU A 104 -0.38 -10.38 7.54
CA GLU A 104 0.09 -10.02 6.21
C GLU A 104 -0.89 -10.63 5.23
N MET A 105 -0.76 -10.29 3.95
CA MET A 105 -1.70 -10.80 2.95
C MET A 105 -1.22 -11.96 2.11
N THR A 106 0.10 -12.12 1.97
CA THR A 106 0.65 -13.03 0.97
C THR A 106 0.12 -14.43 1.14
N PRO A 107 0.00 -14.94 2.37
CA PRO A 107 -0.59 -16.27 2.56
C PRO A 107 -2.02 -16.38 2.06
N SER A 108 -2.81 -15.31 2.22
CA SER A 108 -4.17 -15.31 1.71
C SER A 108 -4.20 -15.39 0.18
N LEU A 109 -3.33 -14.61 -0.46
CA LEU A 109 -3.16 -14.64 -1.90
C LEU A 109 -2.88 -16.05 -2.40
N ALA A 110 -1.93 -16.72 -1.74
CA ALA A 110 -1.53 -18.07 -2.16
C ALA A 110 -2.67 -19.06 -2.03
N ARG A 111 -3.44 -18.94 -0.94
CA ARG A 111 -4.63 -19.78 -0.74
C ARG A 111 -5.56 -19.61 -1.92
N LEU A 112 -5.88 -18.35 -2.22
CA LEU A 112 -6.71 -18.03 -3.38
C LEU A 112 -6.11 -18.61 -4.68
N LEU A 113 -4.81 -18.41 -4.91
CA LEU A 113 -4.17 -18.94 -6.12
C LEU A 113 -4.28 -20.46 -6.17
N LEU A 114 -3.96 -21.11 -5.06
CA LEU A 114 -4.04 -22.57 -4.95
C LEU A 114 -5.47 -23.07 -5.11
N GLY A 115 -6.43 -22.34 -4.55
CA GLY A 115 -7.84 -22.67 -4.75
C GLY A 115 -8.23 -22.70 -6.21
N LYS A 116 -7.70 -21.78 -7.00
CA LYS A 116 -8.00 -21.74 -8.44
C LYS A 116 -7.22 -22.78 -9.24
N GLY A 117 -5.93 -22.93 -8.92
CA GLY A 117 -5.08 -23.89 -9.61
C GLY A 117 -5.10 -23.70 -11.12
N ARG A 118 -5.53 -24.74 -11.81
CA ARG A 118 -5.42 -24.84 -13.27
C ARG A 118 -6.33 -23.84 -14.01
N SER A 119 -7.43 -23.45 -13.39
CA SER A 119 -8.37 -22.50 -13.97
C SER A 119 -7.85 -21.04 -14.05
N LEU A 120 -6.84 -20.70 -13.26
CA LEU A 120 -6.29 -19.33 -13.25
C LEU A 120 -5.36 -19.15 -14.45
N LEU A 121 -5.65 -18.14 -15.25
CA LEU A 121 -4.82 -17.85 -16.41
C LEU A 121 -3.59 -17.05 -15.95
N LEU A 122 -2.47 -17.34 -16.59
CA LEU A 122 -1.20 -16.80 -16.18
C LEU A 122 -0.50 -16.17 -17.39
N PRO A 123 0.29 -15.12 -17.16
CA PRO A 123 0.54 -14.56 -15.81
C PRO A 123 -0.64 -13.80 -15.24
N ALA A 124 -0.68 -13.67 -13.90
CA ALA A 124 -1.69 -12.87 -13.20
C ALA A 124 -1.03 -11.78 -12.36
N LYS A 125 -1.64 -10.60 -12.36
CA LYS A 125 -1.14 -9.46 -11.63
C LYS A 125 -2.25 -8.97 -10.71
N TRP A 126 -2.14 -9.27 -9.42
CA TRP A 126 -3.21 -9.01 -8.45
C TRP A 126 -2.74 -8.03 -7.37
N TYR A 127 -3.61 -7.10 -6.97
CA TYR A 127 -3.30 -6.17 -5.89
C TYR A 127 -4.44 -6.06 -4.88
N SER A 128 -4.12 -5.54 -3.71
CA SER A 128 -5.13 -5.28 -2.69
CA SER A 128 -5.14 -5.28 -2.68
C SER A 128 -4.55 -4.32 -1.66
N ILE A 129 -5.41 -3.70 -0.86
CA ILE A 129 -4.97 -2.78 0.20
C ILE A 129 -5.57 -3.20 1.54
N PRO A 130 -5.22 -4.42 2.03
CA PRO A 130 -5.76 -4.93 3.28
C PRO A 130 -5.26 -4.22 4.52
N GLN A 131 -6.13 -4.11 5.52
CA GLN A 131 -5.69 -3.83 6.86
C GLN A 131 -5.10 -5.13 7.41
N CYS A 132 -3.90 -5.05 7.98
CA CYS A 132 -3.26 -6.19 8.63
C CYS A 132 -2.98 -5.86 10.09
N TRP A 133 -2.84 -6.90 10.90
CA TRP A 133 -2.88 -6.80 12.33
C TRP A 133 -1.71 -7.46 13.05
N ARG A 134 -1.50 -7.05 14.30
CA ARG A 134 -0.54 -7.70 15.19
C ARG A 134 -0.89 -7.42 16.65
N TYR A 135 -0.35 -8.26 17.52
CA TYR A 135 -0.43 -8.09 18.97
C TYR A 135 1.00 -8.03 19.51
N GLU A 136 1.23 -7.23 20.54
CA GLU A 136 2.55 -7.23 21.23
C GLU A 136 2.41 -7.18 22.75
N ARG A 142 2.58 1.20 20.67
CA ARG A 142 2.78 0.72 19.31
C ARG A 142 1.47 0.43 18.61
N ARG A 143 1.53 0.43 17.27
CA ARG A 143 0.35 0.17 16.44
C ARG A 143 0.08 -1.33 16.33
N ARG A 144 -1.20 -1.71 16.47
CA ARG A 144 -1.63 -3.08 16.26
C ARG A 144 -2.25 -3.30 14.88
N GLU A 145 -2.49 -2.23 14.14
CA GLU A 145 -3.00 -2.35 12.78
C GLU A 145 -2.32 -1.38 11.85
N HIS A 146 -2.26 -1.76 10.58
CA HIS A 146 -1.91 -0.85 9.53
C HIS A 146 -2.58 -1.34 8.26
N TYR A 147 -2.64 -0.47 7.26
CA TYR A 147 -3.06 -0.88 5.94
C TYR A 147 -1.80 -1.06 5.14
N GLN A 148 -1.86 -2.01 4.21
CA GLN A 148 -0.71 -2.38 3.43
C GLN A 148 -1.07 -2.66 2.01
N TRP A 149 -0.58 -1.82 1.12
CA TRP A 149 -0.76 -2.07 -0.31
C TRP A 149 0.03 -3.31 -0.69
N ASN A 150 -0.64 -4.29 -1.28
CA ASN A 150 0.03 -5.48 -1.75
C ASN A 150 -0.07 -5.52 -3.26
N MET A 151 1.07 -5.80 -3.92
CA MET A 151 1.15 -6.00 -5.36
C MET A 151 1.95 -7.29 -5.60
N ASP A 152 1.42 -8.21 -6.42
CA ASP A 152 2.06 -9.49 -6.67
C ASP A 152 1.87 -9.93 -8.14
N ILE A 153 2.96 -10.46 -8.73
CA ILE A 153 2.91 -11.04 -10.07
C ILE A 153 3.10 -12.55 -9.95
N VAL A 154 2.21 -13.31 -10.59
CA VAL A 154 2.16 -14.76 -10.48
C VAL A 154 2.38 -15.38 -11.85
N GLY A 155 3.33 -16.31 -11.95
CA GLY A 155 3.55 -17.10 -13.16
C GLY A 155 4.59 -16.53 -14.13
N VAL A 156 5.43 -15.63 -13.63
CA VAL A 156 6.54 -15.02 -14.39
C VAL A 156 7.85 -15.40 -13.74
N LYS A 157 8.58 -16.27 -14.43
CA LYS A 157 9.89 -16.77 -14.04
C LYS A 157 10.94 -15.69 -13.95
N SER A 158 10.91 -14.77 -14.92
CA SER A 158 12.04 -13.87 -15.13
C SER A 158 11.97 -12.63 -14.24
N VAL A 159 13.11 -11.95 -14.16
CA VAL A 159 13.30 -10.77 -13.31
C VAL A 159 12.43 -9.58 -13.75
N SER A 160 11.90 -9.61 -14.98
CA SER A 160 10.89 -8.64 -15.42
C SER A 160 9.74 -8.43 -14.41
N ALA A 161 9.40 -9.47 -13.65
CA ALA A 161 8.39 -9.37 -12.62
C ALA A 161 8.85 -8.40 -11.55
N GLU A 162 10.05 -8.63 -11.03
CA GLU A 162 10.65 -7.78 -10.02
C GLU A 162 10.88 -6.37 -10.53
N VAL A 163 11.28 -6.24 -11.79
CA VAL A 163 11.44 -4.94 -12.40
C VAL A 163 10.13 -4.14 -12.32
N GLU A 164 9.04 -4.74 -12.79
CA GLU A 164 7.75 -4.06 -12.78
C GLU A 164 7.29 -3.70 -11.35
N LEU A 165 7.50 -4.60 -10.40
CA LEU A 165 7.08 -4.38 -9.01
C LEU A 165 7.84 -3.21 -8.40
N VAL A 166 9.16 -3.22 -8.55
CA VAL A 166 9.97 -2.11 -8.07
C VAL A 166 9.58 -0.79 -8.75
N CYS A 167 9.36 -0.83 -10.06
CA CYS A 167 8.90 0.37 -10.76
C CYS A 167 7.53 0.85 -10.26
N ALA A 168 6.62 -0.07 -9.98
CA ALA A 168 5.29 0.30 -9.43
C ALA A 168 5.43 1.03 -8.11
N ALA A 169 6.30 0.56 -7.24
CA ALA A 169 6.52 1.23 -5.96
C ALA A 169 7.13 2.62 -6.13
N CYS A 170 8.05 2.77 -7.08
CA CYS A 170 8.65 4.05 -7.36
C CYS A 170 7.59 5.01 -7.92
N TRP A 171 6.77 4.48 -8.83
CA TRP A 171 5.67 5.21 -9.45
C TRP A 171 4.71 5.81 -8.41
N ALA A 172 4.30 4.99 -7.45
CA ALA A 172 3.42 5.46 -6.38
C ALA A 172 4.10 6.58 -5.57
N MET A 173 5.36 6.37 -5.20
CA MET A 173 6.08 7.38 -4.44
C MET A 173 6.20 8.68 -5.23
N ARG A 174 6.53 8.60 -6.52
CA ARG A 174 6.59 9.77 -7.39
C ARG A 174 5.23 10.45 -7.55
N SER A 175 4.17 9.65 -7.64
CA SER A 175 2.81 10.20 -7.74
C SER A 175 2.43 10.99 -6.47
N LEU A 176 3.03 10.63 -5.34
CA LEU A 176 2.81 11.31 -4.07
C LEU A 176 3.67 12.57 -3.88
N GLY A 177 4.50 12.87 -4.87
CA GLY A 177 5.31 14.09 -4.88
C GLY A 177 6.79 13.85 -4.56
N LEU A 178 7.17 12.62 -4.24
CA LEU A 178 8.55 12.34 -3.88
C LEU A 178 9.39 12.16 -5.13
N SER A 179 10.70 12.33 -4.98
CA SER A 179 11.62 12.16 -6.10
C SER A 179 12.70 11.18 -5.72
N SER A 180 13.60 10.92 -6.67
CA SER A 180 14.71 10.01 -6.44
C SER A 180 15.78 10.66 -5.58
N LYS A 181 15.64 11.96 -5.30
CA LYS A 181 16.45 12.60 -4.26
C LYS A 181 15.91 12.29 -2.88
N ASP A 182 14.62 12.00 -2.76
CA ASP A 182 14.00 11.78 -1.47
C ASP A 182 14.11 10.34 -1.01
N VAL A 183 13.97 9.41 -1.94
CA VAL A 183 13.86 7.99 -1.62
C VAL A 183 14.62 7.14 -2.63
N GLY A 184 14.87 5.89 -2.25
CA GLY A 184 15.40 4.88 -3.18
C GLY A 184 14.83 3.49 -2.91
N ILE A 185 15.19 2.53 -3.76
CA ILE A 185 14.93 1.11 -3.49
C ILE A 185 16.26 0.30 -3.53
N LYS A 186 16.57 -0.34 -2.40
CA LYS A 186 17.73 -1.20 -2.27
C LYS A 186 17.37 -2.57 -2.79
N VAL A 187 18.25 -3.15 -3.59
CA VAL A 187 17.94 -4.41 -4.28
C VAL A 187 19.05 -5.43 -4.09
N ASN A 188 18.65 -6.66 -3.79
CA ASN A 188 19.62 -7.75 -3.58
C ASN A 188 19.05 -9.07 -4.07
N SER A 189 19.86 -10.14 -4.09
CA SER A 189 19.33 -11.50 -4.23
C SER A 189 19.79 -12.41 -3.10
N ARG A 190 18.85 -13.17 -2.57
CA ARG A 190 19.13 -14.18 -1.53
C ARG A 190 19.92 -15.37 -2.05
N LYS A 191 19.95 -15.56 -3.36
CA LYS A 191 20.69 -16.68 -3.95
C LYS A 191 22.17 -16.62 -3.64
N VAL A 192 22.71 -15.40 -3.51
CA VAL A 192 24.11 -15.22 -3.16
C VAL A 192 24.38 -15.86 -1.81
N LEU A 193 23.64 -15.43 -0.79
CA LEU A 193 23.81 -15.98 0.54
C LEU A 193 23.53 -17.48 0.53
N GLN A 194 22.55 -17.86 -0.28
CA GLN A 194 22.22 -19.27 -0.51
C GLN A 194 23.45 -20.05 -1.00
N THR A 195 24.14 -19.52 -2.01
CA THR A 195 25.36 -20.11 -2.54
C THR A 195 26.46 -20.19 -1.46
N VAL A 196 26.59 -19.15 -0.65
CA VAL A 196 27.59 -19.11 0.41
C VAL A 196 27.19 -20.09 1.53
N VAL A 197 25.89 -20.24 1.77
CA VAL A 197 25.40 -21.25 2.69
C VAL A 197 25.62 -22.64 2.10
N GLU A 198 25.41 -22.77 0.80
CA GLU A 198 25.58 -24.04 0.08
C GLU A 198 27.04 -24.46 -0.04
N GLN A 199 27.91 -23.53 -0.48
CA GLN A 199 29.35 -23.82 -0.59
C GLN A 199 29.99 -24.06 0.77
N ALA A 200 29.41 -23.48 1.82
CA ALA A 200 29.77 -23.81 3.19
C ALA A 200 28.99 -25.05 3.64
N GLY A 201 29.23 -25.49 4.87
CA GLY A 201 28.59 -26.69 5.43
C GLY A 201 27.25 -27.10 4.82
N THR A 203 24.01 -27.58 5.79
CA THR A 203 22.87 -28.19 5.13
C THR A 203 22.24 -27.20 4.15
N SER A 204 21.32 -27.69 3.33
CA SER A 204 20.45 -26.83 2.52
C SER A 204 19.02 -26.84 3.07
N ASP A 205 18.90 -26.98 4.39
CA ASP A 205 17.59 -27.13 5.04
C ASP A 205 17.12 -25.88 5.78
N LYS A 206 18.06 -25.01 6.16
CA LYS A 206 17.77 -23.90 7.06
C LYS A 206 18.32 -22.59 6.52
N PHE A 207 18.20 -22.40 5.22
CA PHE A 207 18.56 -21.14 4.59
C PHE A 207 17.62 -20.02 5.03
N ALA A 208 16.34 -20.35 5.21
CA ALA A 208 15.30 -19.36 5.56
C ALA A 208 15.42 -18.82 7.00
N PRO A 209 15.66 -19.69 8.00
CA PRO A 209 15.95 -19.21 9.36
C PRO A 209 17.16 -18.27 9.45
N VAL A 210 18.21 -18.59 8.70
CA VAL A 210 19.42 -17.75 8.68
C VAL A 210 19.12 -16.35 8.16
N CYS A 211 18.36 -16.27 7.07
CA CYS A 211 17.93 -14.99 6.51
C CYS A 211 17.20 -14.17 7.57
N VAL A 212 16.28 -14.83 8.28
CA VAL A 212 15.50 -14.18 9.34
C VAL A 212 16.41 -13.59 10.42
N ILE A 213 17.47 -14.30 10.77
CA ILE A 213 18.43 -13.81 11.77
C ILE A 213 19.28 -12.67 11.19
N VAL A 214 19.84 -12.89 10.00
CA VAL A 214 20.71 -11.92 9.34
C VAL A 214 19.95 -10.64 9.00
N ASP A 215 18.66 -10.77 8.76
CA ASP A 215 17.79 -9.62 8.55
C ASP A 215 17.82 -8.66 9.75
N LYS A 216 18.03 -9.20 10.95
CA LYS A 216 18.02 -8.40 12.18
C LYS A 216 19.23 -7.45 12.29
N MET A 217 20.25 -7.64 11.45
CA MET A 217 21.44 -6.81 11.49
C MET A 217 21.13 -5.36 11.15
N PRO A 221 22.70 -5.47 16.07
CA PRO A 221 23.53 -5.83 17.21
C PRO A 221 24.33 -7.10 16.92
N ARG A 222 25.51 -6.91 16.32
CA ARG A 222 26.32 -8.02 15.78
C ARG A 222 26.51 -9.16 16.77
N GLU A 223 26.89 -8.83 18.00
CA GLU A 223 27.09 -9.83 19.05
C GLU A 223 25.82 -10.67 19.27
N GLU A 224 24.67 -9.99 19.29
CA GLU A 224 23.39 -10.67 19.42
C GLU A 224 23.08 -11.56 18.22
N VAL A 225 23.28 -11.05 17.01
CA VAL A 225 22.98 -11.78 15.78
C VAL A 225 23.82 -13.04 15.62
N GLU A 226 25.10 -12.94 15.98
CA GLU A 226 26.01 -14.09 15.92
C GLU A 226 25.67 -15.17 16.94
N ALA A 227 25.20 -14.77 18.12
CA ALA A 227 24.75 -15.69 19.15
C ALA A 227 23.56 -16.52 18.64
N GLN A 228 22.62 -15.86 17.98
CA GLN A 228 21.46 -16.53 17.38
C GLN A 228 21.87 -17.52 16.30
N LEU A 229 22.88 -17.16 15.50
CA LEU A 229 23.39 -18.03 14.46
C LEU A 229 24.14 -19.24 15.01
N ALA A 230 24.66 -19.14 16.24
CA ALA A 230 25.29 -20.28 16.92
C ALA A 230 24.31 -21.45 17.00
N VAL A 231 23.10 -21.15 17.48
CA VAL A 231 22.00 -22.12 17.49
C VAL A 231 21.46 -22.28 16.06
N VAL A 239 29.59 -18.18 8.39
CA VAL A 239 29.25 -17.10 9.31
C VAL A 239 30.08 -15.86 9.00
N ASP A 240 31.38 -16.06 8.81
CA ASP A 240 32.28 -14.98 8.43
C ASP A 240 32.14 -14.67 6.94
N ALA A 241 31.87 -15.72 6.17
CA ALA A 241 31.52 -15.55 4.76
C ALA A 241 30.16 -14.86 4.62
N ILE A 242 29.28 -15.03 5.60
CA ILE A 242 27.99 -14.34 5.64
C ILE A 242 28.18 -12.83 5.83
N THR A 243 28.86 -12.44 6.91
CA THR A 243 29.11 -11.04 7.19
C THR A 243 29.87 -10.37 6.04
N THR A 244 30.91 -11.04 5.56
CA THR A 244 31.71 -10.53 4.44
C THR A 244 30.84 -10.25 3.22
N THR A 245 30.07 -11.24 2.79
CA THR A 245 29.22 -11.07 1.60
C THR A 245 28.09 -10.04 1.81
N LEU A 246 27.62 -9.88 3.04
CA LEU A 246 26.64 -8.84 3.37
C LEU A 246 27.24 -7.44 3.17
N SER A 247 28.54 -7.34 3.39
CA SER A 247 29.25 -6.06 3.34
C SER A 247 29.85 -5.74 1.97
N LEU A 248 29.79 -6.70 1.04
CA LEU A 248 30.25 -6.48 -0.33
C LEU A 248 29.44 -5.35 -0.96
N LYS A 249 30.13 -4.41 -1.62
CA LYS A 249 29.53 -3.12 -1.96
C LYS A 249 29.00 -2.97 -3.37
N SER A 250 29.23 -3.95 -4.24
CA SER A 250 28.73 -3.85 -5.61
C SER A 250 28.55 -5.19 -6.30
N ILE A 251 27.95 -5.13 -7.49
CA ILE A 251 27.72 -6.32 -8.30
C ILE A 251 29.04 -6.90 -8.78
N ASP A 252 29.98 -6.03 -9.14
CA ASP A 252 31.29 -6.51 -9.58
C ASP A 252 32.03 -7.27 -8.49
N GLU A 253 31.93 -6.78 -7.25
CA GLU A 253 32.57 -7.43 -6.11
C GLU A 253 31.93 -8.77 -5.77
N ILE A 254 30.63 -8.88 -5.96
CA ILE A 254 29.96 -10.14 -5.73
C ILE A 254 30.18 -11.09 -6.90
N ALA A 255 30.26 -10.56 -8.11
CA ALA A 255 30.67 -11.36 -9.27
C ALA A 255 32.06 -11.98 -9.08
N GLN A 256 32.98 -11.25 -8.44
CA GLN A 256 34.31 -11.81 -8.11
C GLN A 256 34.20 -13.01 -7.18
N ARG A 257 33.22 -12.98 -6.28
CA ARG A 257 33.05 -14.03 -5.27
C ARG A 257 32.34 -15.28 -5.80
N VAL A 258 31.47 -15.14 -6.80
CA VAL A 258 30.68 -16.27 -7.33
C VAL A 258 30.68 -16.47 -8.86
N GLY A 259 31.34 -15.59 -9.60
CA GLY A 259 31.38 -15.66 -11.07
C GLY A 259 30.52 -14.59 -11.73
N GLU A 260 30.95 -14.12 -12.90
CA GLU A 260 30.21 -13.11 -13.65
C GLU A 260 28.87 -13.64 -14.15
N GLU A 261 28.75 -14.96 -14.25
CA GLU A 261 27.44 -15.62 -14.32
C GLU A 261 27.31 -16.66 -13.22
N HIS A 262 26.94 -16.16 -12.05
CA HIS A 262 26.25 -16.94 -11.05
C HIS A 262 24.80 -16.48 -11.18
N GLU A 263 23.86 -17.38 -10.90
CA GLU A 263 22.43 -17.12 -11.07
C GLU A 263 22.05 -15.67 -10.70
N ALA A 264 22.40 -15.31 -9.47
CA ALA A 264 22.19 -13.98 -8.90
C ALA A 264 22.82 -12.78 -9.64
N VAL A 265 23.95 -12.98 -10.31
CA VAL A 265 24.61 -11.87 -11.02
C VAL A 265 23.87 -11.53 -12.33
N LYS A 266 23.51 -12.55 -13.09
CA LYS A 266 22.83 -12.32 -14.36
C LYS A 266 21.46 -11.67 -14.15
N GLU A 267 20.78 -12.06 -13.07
CA GLU A 267 19.45 -11.52 -12.77
C GLU A 267 19.50 -10.05 -12.43
N LEU A 268 20.45 -9.68 -11.58
CA LEU A 268 20.61 -8.29 -11.11
C LEU A 268 20.99 -7.34 -12.24
N ARG A 269 21.95 -7.75 -13.07
CA ARG A 269 22.34 -6.96 -14.24
C ARG A 269 21.16 -6.74 -15.17
N GLN A 270 20.41 -7.80 -15.44
CA GLN A 270 19.16 -7.71 -16.20
C GLN A 270 18.14 -6.80 -15.51
N PHE A 271 18.00 -6.94 -14.20
CA PHE A 271 17.08 -6.13 -13.39
C PHE A 271 17.44 -4.66 -13.52
N PHE A 272 18.69 -4.33 -13.21
CA PHE A 272 19.13 -2.95 -13.28
C PHE A 272 19.07 -2.43 -14.71
N GLU A 273 19.35 -3.29 -15.68
CA GLU A 273 19.24 -2.88 -17.07
C GLU A 273 17.79 -2.55 -17.47
N GLN A 274 16.83 -3.33 -17.00
CA GLN A 274 15.42 -3.07 -17.33
C GLN A 274 14.88 -1.82 -16.61
N VAL A 275 15.17 -1.69 -15.33
CA VAL A 275 14.75 -0.50 -14.57
C VAL A 275 15.36 0.74 -15.22
N GLU A 276 16.64 0.63 -15.60
CA GLU A 276 17.31 1.69 -16.35
C GLU A 276 16.54 2.03 -17.62
N ALA A 277 16.21 1.02 -18.41
CA ALA A 277 15.45 1.21 -19.64
C ALA A 277 14.05 1.81 -19.44
N TYR A 278 13.42 1.53 -18.30
CA TYR A 278 12.10 2.11 -17.99
C TYR A 278 12.22 3.57 -17.51
N GLY A 279 13.43 3.97 -17.12
CA GLY A 279 13.70 5.37 -16.78
C GLY A 279 13.67 5.68 -15.29
N TYR A 280 13.76 4.65 -14.46
CA TYR A 280 13.77 4.82 -13.01
C TYR A 280 15.12 4.39 -12.42
N GLY A 281 16.18 4.53 -13.22
CA GLY A 281 17.53 4.13 -12.80
C GLY A 281 18.09 4.90 -11.61
N ASP A 282 17.70 6.17 -11.46
CA ASP A 282 18.12 6.94 -10.30
C ASP A 282 17.40 6.51 -9.02
N TRP A 283 16.38 5.67 -9.13
CA TRP A 283 15.63 5.24 -7.94
C TRP A 283 16.13 3.97 -7.28
N VAL A 284 16.95 3.20 -7.98
CA VAL A 284 17.29 1.86 -7.49
C VAL A 284 18.80 1.74 -7.30
N LEU A 285 19.20 0.85 -6.40
CA LEU A 285 20.61 0.57 -6.20
C LEU A 285 20.79 -0.79 -5.55
N PHE A 286 22.02 -1.28 -5.61
CA PHE A 286 22.38 -2.56 -5.03
C PHE A 286 22.76 -2.42 -3.56
N ASP A 287 22.34 -3.38 -2.75
CA ASP A 287 22.73 -3.43 -1.34
C ASP A 287 22.70 -4.87 -0.85
N ALA A 288 23.88 -5.42 -0.59
CA ALA A 288 24.03 -6.84 -0.26
C ALA A 288 23.60 -7.17 1.17
N SER A 289 23.30 -6.16 1.97
CA SER A 289 22.83 -6.39 3.33
C SER A 289 21.32 -6.61 3.40
N VAL A 290 20.62 -6.46 2.27
CA VAL A 290 19.15 -6.58 2.25
C VAL A 290 18.70 -8.01 1.98
N VAL A 291 18.13 -8.65 3.00
CA VAL A 291 17.52 -9.99 2.84
C VAL A 291 16.02 -10.05 3.17
N ARG A 292 15.49 -9.05 3.87
CA ARG A 292 14.12 -9.04 4.38
C ARG A 292 13.91 -10.08 5.47
N GLY A 293 12.83 -9.92 6.22
CA GLY A 293 12.57 -10.75 7.40
C GLY A 293 11.74 -12.00 7.16
N LEU A 294 11.22 -12.17 5.94
CA LEU A 294 10.28 -13.25 5.65
C LEU A 294 10.95 -14.50 5.14
N ALA A 295 10.49 -15.65 5.63
CA ALA A 295 11.09 -16.95 5.33
C ALA A 295 11.06 -17.27 3.84
N TYR A 296 9.98 -16.90 3.17
CA TYR A 296 9.67 -17.46 1.86
C TYR A 296 10.36 -16.84 0.63
N TYR A 297 11.13 -15.77 0.81
CA TYR A 297 11.82 -15.18 -0.35
C TYR A 297 12.97 -16.10 -0.81
N THR A 298 13.03 -16.35 -2.12
CA THR A 298 14.01 -17.24 -2.72
C THR A 298 15.03 -16.53 -3.63
N GLY A 299 14.68 -15.34 -4.13
CA GLY A 299 15.45 -14.71 -5.19
C GLY A 299 15.74 -13.26 -4.90
N ILE A 300 15.52 -12.42 -5.89
CA ILE A 300 15.61 -10.97 -5.70
C ILE A 300 14.72 -10.48 -4.57
N VAL A 301 15.29 -9.68 -3.69
CA VAL A 301 14.56 -9.02 -2.61
C VAL A 301 14.84 -7.53 -2.70
N PHE A 302 13.94 -6.71 -2.15
CA PHE A 302 14.12 -5.27 -2.22
C PHE A 302 13.37 -4.52 -1.12
N GLU A 303 13.76 -3.27 -0.93
CA GLU A 303 13.34 -2.46 0.20
C GLU A 303 13.41 -0.97 -0.13
N GLY A 304 12.32 -0.26 0.15
CA GLY A 304 12.27 1.18 -0.07
C GLY A 304 12.77 1.91 1.15
N PHE A 305 13.42 3.04 0.94
CA PHE A 305 13.99 3.80 2.06
C PHE A 305 14.09 5.28 1.76
N ASP A 306 14.06 6.11 2.80
CA ASP A 306 14.28 7.55 2.65
C ASP A 306 15.78 7.79 2.69
N ARG A 307 16.25 8.67 1.82
CA ARG A 307 17.68 8.97 1.66
C ARG A 307 18.32 9.82 2.79
N GLU A 308 17.53 10.20 3.80
CA GLU A 308 18.04 10.91 4.96
C GLU A 308 18.32 9.99 6.15
N GLY A 309 17.91 8.73 6.07
CA GLY A 309 18.12 7.77 7.16
C GLY A 309 17.24 7.99 8.37
N LYS A 310 16.08 8.62 8.17
CA LYS A 310 15.23 9.00 9.28
C LYS A 310 14.14 7.99 9.60
N PHE A 311 13.81 7.12 8.65
CA PHE A 311 12.64 6.25 8.78
C PHE A 311 12.94 4.80 8.47
N ARG A 312 12.08 3.93 8.99
CA ARG A 312 12.07 2.51 8.60
C ARG A 312 11.76 2.34 7.12
N ALA A 313 11.79 1.10 6.65
CA ALA A 313 11.49 0.79 5.26
C ALA A 313 10.10 1.29 4.88
N LEU A 314 10.01 1.90 3.70
CA LEU A 314 8.76 2.41 3.16
C LEU A 314 7.93 1.28 2.56
N CYS A 315 8.63 0.28 2.02
CA CYS A 315 8.01 -0.88 1.43
C CYS A 315 9.06 -1.99 1.35
N GLY A 316 8.59 -3.22 1.16
CA GLY A 316 9.45 -4.40 1.16
C GLY A 316 8.84 -5.54 0.36
N GLY A 317 9.68 -6.27 -0.37
CA GLY A 317 9.19 -7.29 -1.29
C GLY A 317 10.28 -8.22 -1.78
N GLY A 318 9.89 -9.12 -2.68
CA GLY A 318 10.84 -10.08 -3.24
C GLY A 318 10.15 -11.23 -3.96
N ARG A 319 10.97 -12.11 -4.53
CA ARG A 319 10.51 -13.30 -5.25
C ARG A 319 10.34 -14.43 -4.25
N TYR A 320 9.27 -15.19 -4.41
CA TYR A 320 8.99 -16.31 -3.52
C TYR A 320 8.43 -17.48 -4.36
N ASP A 321 9.36 -18.15 -5.05
CA ASP A 321 9.02 -19.18 -6.05
C ASP A 321 8.62 -20.53 -5.46
N ASN A 322 8.81 -20.70 -4.15
CA ASN A 322 8.52 -21.98 -3.51
C ASN A 322 7.30 -22.00 -2.59
N LEU A 323 6.74 -20.84 -2.27
CA LEU A 323 5.66 -20.77 -1.30
C LEU A 323 4.50 -21.69 -1.65
N LEU A 324 4.06 -21.66 -2.90
CA LEU A 324 2.89 -22.44 -3.30
C LEU A 324 3.18 -23.93 -3.35
N THR A 325 4.44 -24.30 -3.63
CA THR A 325 4.86 -25.68 -3.47
C THR A 325 4.72 -26.14 -2.01
N THR A 326 5.07 -25.28 -1.05
CA THR A 326 4.95 -25.65 0.37
C THR A 326 3.49 -25.73 0.85
N TYR A 327 2.59 -25.03 0.17
CA TYR A 327 1.14 -25.14 0.44
C TYR A 327 0.52 -26.39 -0.20
N GLY A 328 1.30 -27.17 -0.95
CA GLY A 328 0.83 -28.42 -1.56
C GLY A 328 0.48 -28.34 -3.04
N SER A 329 0.92 -27.29 -3.73
CA SER A 329 0.71 -27.20 -5.19
C SER A 329 1.52 -28.30 -5.90
N PRO A 330 0.88 -29.07 -6.80
CA PRO A 330 1.63 -30.10 -7.54
C PRO A 330 2.63 -29.51 -8.55
N THR A 331 2.37 -28.31 -9.05
CA THR A 331 3.29 -27.63 -9.96
C THR A 331 3.88 -26.36 -9.28
N PRO A 332 5.21 -26.16 -9.41
CA PRO A 332 5.83 -24.94 -8.91
C PRO A 332 5.22 -23.71 -9.54
N ILE A 333 4.92 -22.69 -8.72
CA ILE A 333 4.32 -21.46 -9.22
C ILE A 333 5.23 -20.32 -8.85
N PRO A 334 5.92 -19.75 -9.86
CA PRO A 334 6.72 -18.57 -9.59
C PRO A 334 5.83 -17.42 -9.14
N CYS A 335 6.30 -16.67 -8.14
CA CYS A 335 5.59 -15.52 -7.62
C CYS A 335 6.60 -14.48 -7.22
N ALA A 336 6.16 -13.22 -7.24
CA ALA A 336 6.94 -12.09 -6.73
C ALA A 336 6.00 -10.95 -6.37
N GLY A 337 6.37 -10.16 -5.37
CA GLY A 337 5.51 -9.08 -4.91
C GLY A 337 6.10 -8.25 -3.79
N PHE A 338 5.31 -7.26 -3.34
CA PHE A 338 5.69 -6.41 -2.21
C PHE A 338 4.51 -5.92 -1.40
N GLY A 339 4.84 -5.49 -0.19
CA GLY A 339 3.94 -4.82 0.72
C GLY A 339 4.47 -3.42 0.92
N PHE A 340 3.54 -2.48 1.07
CA PHE A 340 3.83 -1.06 1.14
C PHE A 340 2.86 -0.47 2.17
N GLY A 341 3.36 -0.16 3.35
CA GLY A 341 2.54 0.24 4.49
C GLY A 341 2.00 1.65 4.37
N ASP A 342 1.01 1.97 5.19
CA ASP A 342 0.36 3.28 5.13
C ASP A 342 0.92 4.31 6.14
N CYS A 343 1.79 3.87 7.05
CA CYS A 343 2.27 4.74 8.13
C CYS A 343 3.62 5.44 7.83
N VAL A 344 4.67 4.66 7.58
CA VAL A 344 6.01 5.21 7.29
C VAL A 344 5.97 6.26 6.17
N ILE A 345 5.33 5.91 5.06
CA ILE A 345 5.15 6.84 3.94
C ILE A 345 4.48 8.18 4.32
N VAL A 346 3.52 8.14 5.25
CA VAL A 346 2.82 9.35 5.67
C VAL A 346 3.76 10.23 6.48
N GLU A 347 4.48 9.63 7.43
CA GLU A 347 5.55 10.35 8.14
C GLU A 347 6.53 11.04 7.18
N LEU A 348 6.94 10.32 6.14
CA LEU A 348 7.90 10.85 5.20
C LEU A 348 7.28 12.03 4.46
N LEU A 349 6.06 11.82 3.97
CA LEU A 349 5.34 12.86 3.26
C LEU A 349 5.10 14.11 4.14
N GLN A 350 4.83 13.91 5.42
CA GLN A 350 4.67 15.03 6.37
C GLN A 350 6.00 15.78 6.53
N GLU A 351 7.08 15.05 6.81
CA GLU A 351 8.43 15.64 6.88
C GLU A 351 8.78 16.47 5.64
N LYS A 352 8.44 15.96 4.44
CA LYS A 352 8.72 16.65 3.17
C LYS A 352 7.66 17.72 2.80
N ARG A 353 6.67 17.94 3.68
CA ARG A 353 5.60 18.92 3.46
C ARG A 353 4.79 18.58 2.21
N LEU A 354 4.49 17.30 2.04
CA LEU A 354 3.75 16.81 0.88
C LEU A 354 2.34 16.33 1.24
N LEU A 355 1.92 16.55 2.47
CA LEU A 355 0.56 16.20 2.87
C LEU A 355 -0.15 17.44 3.40
N PRO A 356 -0.36 18.43 2.52
CA PRO A 356 -1.17 19.54 2.98
C PRO A 356 -2.58 19.06 3.24
N ASP A 357 -3.18 19.53 4.32
CA ASP A 357 -4.61 19.30 4.56
C ASP A 357 -5.34 19.77 3.31
N ILE A 358 -6.24 18.93 2.79
CA ILE A 358 -7.14 19.40 1.75
C ILE A 358 -8.55 19.44 2.31
N PRO A 359 -9.18 20.63 2.28
CA PRO A 359 -10.52 20.72 2.85
C PRO A 359 -11.55 19.96 2.04
N HIS A 360 -12.69 19.65 2.66
CA HIS A 360 -13.82 19.11 1.96
C HIS A 360 -14.26 20.09 0.87
N VAL A 361 -14.71 19.57 -0.27
CA VAL A 361 -15.36 20.40 -1.29
C VAL A 361 -16.71 19.81 -1.70
N VAL A 362 -17.55 20.66 -2.27
CA VAL A 362 -18.84 20.29 -2.83
C VAL A 362 -19.15 21.35 -3.90
N ASP A 363 -19.78 20.97 -5.01
CA ASP A 363 -20.02 21.91 -6.11
C ASP A 363 -21.00 23.01 -5.69
N ASP A 364 -22.19 22.60 -5.28
CA ASP A 364 -23.28 23.53 -4.99
C ASP A 364 -23.83 23.37 -3.59
N VAL A 365 -24.22 24.48 -2.96
CA VAL A 365 -25.08 24.45 -1.79
C VAL A 365 -26.35 25.26 -2.12
N VAL A 366 -27.48 24.56 -2.13
CA VAL A 366 -28.78 25.13 -2.48
C VAL A 366 -29.42 25.68 -1.20
N ILE A 367 -29.91 26.92 -1.26
CA ILE A 367 -30.35 27.64 -0.08
C ILE A 367 -31.80 28.08 -0.27
N PRO A 368 -32.72 27.45 0.49
CA PRO A 368 -34.10 27.96 0.46
C PRO A 368 -34.14 29.35 1.09
N PHE A 369 -34.78 30.31 0.42
CA PHE A 369 -34.93 31.63 1.02
C PHE A 369 -35.58 31.50 2.39
N ASP A 370 -36.63 30.67 2.46
CA ASP A 370 -37.22 30.26 3.73
C ASP A 370 -37.88 28.90 3.50
N GLU A 371 -38.61 28.41 4.51
CA GLU A 371 -39.22 27.09 4.43
C GLU A 371 -40.25 26.94 3.32
N SER A 372 -40.94 28.02 2.97
CA SER A 372 -41.91 27.95 1.88
C SER A 372 -41.23 27.60 0.56
N MET A 373 -39.96 27.97 0.41
CA MET A 373 -39.17 27.65 -0.80
C MET A 373 -38.54 26.25 -0.80
N ARG A 374 -38.72 25.46 0.24
CA ARG A 374 -38.05 24.15 0.33
C ARG A 374 -38.43 23.21 -0.84
N PRO A 375 -39.73 23.03 -1.12
CA PRO A 375 -40.10 22.14 -2.22
C PRO A 375 -39.40 22.49 -3.53
N HIS A 376 -39.35 23.80 -3.81
CA HIS A 376 -38.74 24.30 -5.03
C HIS A 376 -37.21 24.14 -4.99
N ALA A 377 -36.62 24.36 -3.81
CA ALA A 377 -35.17 24.14 -3.61
C ALA A 377 -34.80 22.68 -3.83
N LEU A 378 -35.69 21.79 -3.42
CA LEU A 378 -35.52 20.38 -3.59
C LEU A 378 -35.52 19.99 -5.05
N ALA A 379 -36.41 20.61 -5.83
CA ALA A 379 -36.47 20.37 -7.27
C ALA A 379 -35.16 20.81 -7.94
N VAL A 380 -34.64 21.95 -7.51
CA VAL A 380 -33.35 22.44 -8.00
C VAL A 380 -32.23 21.49 -7.59
N LEU A 381 -32.23 21.06 -6.33
CA LEU A 381 -31.27 20.07 -5.85
C LEU A 381 -31.24 18.84 -6.75
N ARG A 382 -32.41 18.31 -7.10
CA ARG A 382 -32.52 17.13 -7.96
C ARG A 382 -31.88 17.34 -9.32
N ARG A 383 -32.14 18.49 -9.94
CA ARG A 383 -31.52 18.83 -11.23
C ARG A 383 -30.00 18.84 -11.14
N LEU A 384 -29.46 19.54 -10.15
CA LEU A 384 -28.01 19.67 -10.01
C LEU A 384 -27.35 18.29 -9.89
N ARG A 385 -27.92 17.45 -9.02
CA ARG A 385 -27.41 16.12 -8.80
C ARG A 385 -27.59 15.23 -10.04
N ASP A 386 -28.73 15.38 -10.72
CA ASP A 386 -28.97 14.67 -11.99
C ASP A 386 -27.93 14.96 -13.05
N ALA A 387 -27.30 16.13 -12.98
CA ALA A 387 -26.28 16.54 -13.93
C ALA A 387 -24.87 16.15 -13.50
N GLY A 388 -24.75 15.38 -12.42
CA GLY A 388 -23.45 14.89 -11.95
C GLY A 388 -22.74 15.83 -11.01
N ARG A 389 -23.41 16.86 -10.52
CA ARG A 389 -22.81 17.76 -9.55
C ARG A 389 -23.02 17.21 -8.16
N SER A 390 -22.08 17.52 -7.26
CA SER A 390 -22.25 17.27 -5.84
C SER A 390 -22.90 18.50 -5.24
N ALA A 391 -23.96 18.28 -4.47
CA ALA A 391 -24.79 19.37 -4.01
C ALA A 391 -25.40 19.04 -2.67
N ASP A 392 -25.37 20.03 -1.78
CA ASP A 392 -26.13 20.00 -0.55
C ASP A 392 -27.35 20.91 -0.70
N ILE A 393 -28.36 20.61 0.09
CA ILE A 393 -29.40 21.57 0.43
C ILE A 393 -29.31 21.84 1.93
N ILE A 394 -29.53 23.09 2.32
CA ILE A 394 -29.55 23.42 3.74
C ILE A 394 -30.71 22.64 4.33
N LEU A 395 -30.41 21.77 5.28
CA LEU A 395 -31.41 20.86 5.83
C LEU A 395 -32.20 21.47 6.98
N ASP A 396 -31.53 22.31 7.76
CA ASP A 396 -32.16 22.93 8.93
C ASP A 396 -32.76 24.28 8.58
N LYS A 397 -33.54 24.80 9.51
CA LYS A 397 -34.13 26.12 9.36
C LYS A 397 -33.07 27.12 9.81
N LYS A 398 -32.60 27.97 8.89
CA LYS A 398 -31.69 29.07 9.27
C LYS A 398 -31.70 30.25 8.30
N LYS A 399 -31.14 31.37 8.75
CA LYS A 399 -31.18 32.61 7.98
C LYS A 399 -30.21 32.51 6.81
N VAL A 400 -30.52 33.27 5.75
CA VAL A 400 -29.74 33.23 4.52
C VAL A 400 -28.24 33.41 4.74
N VAL A 401 -27.86 34.44 5.47
CA VAL A 401 -26.44 34.73 5.67
C VAL A 401 -25.72 33.60 6.44
N GLN A 402 -26.42 32.92 7.33
CA GLN A 402 -25.85 31.74 8.02
C GLN A 402 -25.78 30.54 7.07
N ALA A 403 -26.71 30.46 6.13
CA ALA A 403 -26.65 29.45 5.07
C ALA A 403 -25.40 29.68 4.20
N PHE A 404 -25.16 30.94 3.81
CA PHE A 404 -23.96 31.30 3.03
C PHE A 404 -22.67 30.98 3.79
N ASN A 405 -22.64 31.29 5.08
CA ASN A 405 -21.47 30.94 5.89
C ASN A 405 -21.28 29.43 5.92
N TYR A 406 -22.39 28.71 6.06
CA TYR A 406 -22.33 27.25 6.06
C TYR A 406 -21.74 26.73 4.75
N ALA A 407 -22.22 27.28 3.64
CA ALA A 407 -21.69 26.99 2.32
C ALA A 407 -20.17 27.18 2.24
N ASP A 408 -19.67 28.29 2.80
CA ASP A 408 -18.23 28.55 2.82
C ASP A 408 -17.47 27.51 3.62
N ARG A 409 -17.99 27.18 4.80
CA ARG A 409 -17.33 26.21 5.69
C ARG A 409 -17.23 24.81 5.09
N VAL A 410 -18.27 24.34 4.38
CA VAL A 410 -18.18 23.02 3.73
C VAL A 410 -17.44 23.05 2.38
N GLY A 411 -16.90 24.20 1.99
CA GLY A 411 -16.06 24.29 0.80
C GLY A 411 -16.87 24.25 -0.48
N ALA A 412 -18.02 24.92 -0.47
CA ALA A 412 -18.86 24.99 -1.65
C ALA A 412 -18.27 25.93 -2.70
N VAL A 413 -18.23 25.46 -3.96
CA VAL A 413 -17.77 26.26 -5.08
C VAL A 413 -18.82 27.32 -5.42
N ARG A 414 -20.08 27.02 -5.13
CA ARG A 414 -21.17 27.86 -5.59
C ARG A 414 -22.36 27.76 -4.65
N ALA A 415 -23.01 28.89 -4.38
CA ALA A 415 -24.23 28.92 -3.58
C ALA A 415 -25.40 29.30 -4.47
N VAL A 416 -26.46 28.49 -4.39
CA VAL A 416 -27.65 28.70 -5.19
C VAL A 416 -28.84 29.07 -4.29
N LEU A 417 -29.18 30.35 -4.27
CA LEU A 417 -30.28 30.84 -3.45
C LEU A 417 -31.60 30.73 -4.22
N VAL A 418 -32.59 30.08 -3.60
CA VAL A 418 -33.89 29.86 -4.24
C VAL A 418 -34.93 30.73 -3.53
N ALA A 419 -35.24 31.87 -4.14
CA ALA A 419 -36.11 32.87 -3.51
C ALA A 419 -37.38 33.10 -4.33
N PRO A 420 -38.48 33.49 -3.64
CA PRO A 420 -39.80 33.64 -4.28
C PRO A 420 -39.82 34.54 -5.52
N GLU A 421 -39.20 35.71 -5.44
CA GLU A 421 -39.25 36.67 -6.54
C GLU A 421 -38.55 36.13 -7.78
N GLU A 422 -37.42 35.46 -7.59
CA GLU A 422 -36.69 34.84 -8.71
C GLU A 422 -37.42 33.61 -9.24
N TRP A 423 -37.92 32.77 -8.33
CA TRP A 423 -38.57 31.52 -8.69
C TRP A 423 -39.72 31.71 -9.71
N GLU A 424 -40.52 32.76 -9.53
CA GLU A 424 -41.63 33.01 -10.46
C GLU A 424 -41.15 33.51 -11.82
N ARG A 425 -39.95 34.10 -11.87
CA ARG A 425 -39.28 34.38 -13.14
C ARG A 425 -38.59 33.14 -13.71
N GLY A 426 -38.85 31.97 -13.12
CA GLY A 426 -38.18 30.73 -13.51
C GLY A 426 -36.68 30.73 -13.24
N GLU A 427 -36.26 31.42 -12.17
CA GLU A 427 -34.84 31.64 -11.89
C GLU A 427 -34.46 31.43 -10.44
N VAL A 428 -33.17 31.17 -10.20
CA VAL A 428 -32.56 31.22 -8.88
C VAL A 428 -31.42 32.25 -8.89
N GLN A 429 -30.96 32.63 -7.70
CA GLN A 429 -29.77 33.47 -7.58
C GLN A 429 -28.56 32.58 -7.34
N VAL A 430 -27.54 32.74 -8.18
CA VAL A 430 -26.30 31.97 -8.09
C VAL A 430 -25.17 32.90 -7.72
N LYS A 431 -24.23 32.40 -6.90
CA LYS A 431 -23.10 33.19 -6.44
C LYS A 431 -21.86 32.31 -6.30
N MET A 432 -20.74 32.77 -6.87
CA MET A 432 -19.50 32.02 -6.83
C MET A 432 -18.72 32.38 -5.57
N LEU A 433 -18.14 31.37 -4.93
CA LEU A 433 -17.46 31.54 -3.66
C LEU A 433 -15.95 31.40 -3.72
N ARG A 434 -15.43 30.83 -4.82
CA ARG A 434 -14.00 30.58 -4.95
C ARG A 434 -13.50 30.90 -6.36
N GLY A 447 -24.92 37.92 -6.06
CA GLY A 447 -25.38 36.77 -6.83
C GLY A 447 -26.26 37.19 -7.99
N PHE A 448 -25.98 36.66 -9.19
CA PHE A 448 -26.71 37.01 -10.41
C PHE A 448 -27.77 35.96 -10.71
N ALA A 449 -28.91 36.40 -11.25
CA ALA A 449 -30.04 35.52 -11.54
C ALA A 449 -29.79 34.64 -12.77
N VAL A 450 -30.26 33.39 -12.70
CA VAL A 450 -29.98 32.40 -13.75
C VAL A 450 -31.21 31.51 -14.01
N PRO A 451 -31.56 31.30 -15.30
CA PRO A 451 -32.66 30.35 -15.60
C PRO A 451 -32.35 28.95 -15.11
N LEU A 452 -33.36 28.26 -14.59
CA LEU A 452 -33.17 26.91 -14.05
C LEU A 452 -32.42 25.97 -14.99
N ASP A 453 -32.68 26.09 -16.28
CA ASP A 453 -32.01 25.25 -17.28
C ASP A 453 -30.51 25.57 -17.43
N ARG A 454 -30.14 26.84 -17.23
CA ARG A 454 -28.76 27.29 -17.42
C ARG A 454 -27.84 27.02 -16.22
N LEU A 455 -28.36 26.40 -15.16
CA LEU A 455 -27.55 26.07 -13.98
C LEU A 455 -26.55 24.94 -14.23
N VAL A 456 -26.85 24.08 -15.21
CA VAL A 456 -26.06 22.85 -15.41
C VAL A 456 -25.25 22.88 -16.71
N HIS B . 3.86 -10.10 2.81
CA HIS B . 5.11 -9.29 2.66
C HIS B . 5.33 -8.40 3.89
O HIS B . 6.38 -7.78 4.03
CB HIS B . 5.05 -8.42 1.42
CG HIS B . 4.89 -9.20 0.15
ND1 HIS B . 5.87 -10.04 -0.33
CD2 HIS B . 3.87 -9.27 -0.73
CE1 HIS B . 5.46 -10.60 -1.45
NE2 HIS B . 4.25 -10.15 -1.73
OXT HIS B . 4.46 -8.30 4.75
C1 4HU C . 3.04 -5.45 10.94
C1 4HU C . 2.61 -2.55 11.45
C2 4HU C . 2.12 -6.46 10.70
C2 4HU C . 1.83 -1.83 12.34
C3 4HU C . 0.79 -6.24 11.03
C3 4HU C . 0.68 -2.43 12.84
C4 4HU C . 0.40 -5.04 11.59
C4 4HU C . 0.35 -3.71 12.45
C5 4HU C . 1.41 -4.10 11.79
C5 4HU C . 1.21 -4.34 11.57
BR 4HU C . 0.93 -2.40 12.53
BR 4HU C . 0.79 -6.10 10.97
N 4HU C . 2.68 -4.26 11.49
N 4HU C . 2.31 -3.79 11.06
C 4HU C . 4.50 -5.57 10.61
C 4HU C . 3.85 -1.96 10.82
O 4HU C . 4.72 -6.26 9.39
O 4HU C . 4.88 -1.72 11.76
C1 EDO D . -16.13 -22.07 14.46
O1 EDO D . -16.70 -21.23 15.46
C2 EDO D . -17.11 -23.20 14.17
O2 EDO D . -17.18 -23.44 12.76
S SO4 E . -12.90 1.16 -0.56
O1 SO4 E . -12.58 1.95 0.65
O2 SO4 E . -12.01 1.60 -1.66
O3 SO4 E . -14.31 1.37 -0.94
O4 SO4 E . -12.62 -0.25 -0.24
S SO4 F . 3.94 0.74 8.21
O1 SO4 F . 4.51 1.27 9.48
O2 SO4 F . 4.33 1.61 7.06
O3 SO4 F . 4.44 -0.65 8.03
O4 SO4 F . 2.45 0.72 8.30
S SO4 G . 13.09 11.72 -10.47
O1 SO4 G . 12.72 13.02 -11.09
O2 SO4 G . 14.55 11.51 -10.52
O3 SO4 G . 12.44 10.59 -11.19
O4 SO4 G . 12.70 11.73 -9.05
S DMS H . 2.32 -22.87 5.72
O DMS H . 2.22 -22.82 7.19
C1 DMS H . 3.88 -22.38 5.24
C2 DMS H . 2.34 -24.49 5.19
S DMS I . 4.02 10.42 -11.50
O DMS I . 4.80 11.47 -12.19
C1 DMS I . 2.37 10.59 -11.89
C2 DMS I . 4.41 8.90 -12.18
#